data_4J5E
#
_entry.id   4J5E
#
_cell.length_a   57.040
_cell.length_b   57.040
_cell.length_c   87.800
_cell.angle_alpha   90.000
_cell.angle_beta   90.000
_cell.angle_gamma   90.000
#
_symmetry.space_group_name_H-M   'P 41 21 2'
#
loop_
_entity.id
_entity.type
_entity.pdbx_description
1 polymer 'Peptidyl-prolyl cis-trans isomerase F, mitochondrial'
2 non-polymer 1-(4-aminobenzyl)-3-{2-[(2R)-2-(2-methoxyphenyl)pyrrolidin-1-yl]-2-oxoethyl}urea
3 water water
#
_entity_poly.entity_id   1
_entity_poly.type   'polypeptide(L)'
_entity_poly.pdbx_seq_one_letter_code
;GNPLVYLDVDANGKPLGRVVLELKADVVPKTAENFRALCTGEKGFGYKGSTFHRVIPSFMCQAGDFTNHNGTGGKSIYGS
RFPDENFTLKHVGPGVLSMANAGPNTNGSQFFICTIKTDWLDGKHVVFGHVIEGMDVVKKIESFGSKSGRTSKKIVITDC
GQLS
;
_entity_poly.pdbx_strand_id   X
#
# COMPACT_ATOMS: atom_id res chain seq x y z
N GLY A 1 7.45 12.51 15.88
CA GLY A 1 7.57 12.68 14.44
C GLY A 1 6.58 11.82 13.67
N ASN A 2 6.81 11.70 12.36
CA ASN A 2 5.95 10.89 11.52
C ASN A 2 6.05 9.42 11.86
N PRO A 3 4.94 8.68 11.72
CA PRO A 3 5.03 7.24 11.97
C PRO A 3 5.97 6.51 11.03
N LEU A 4 6.64 5.51 11.60
CA LEU A 4 7.39 4.52 10.86
CA LEU A 4 7.36 4.49 10.82
C LEU A 4 6.63 3.20 11.03
N VAL A 5 6.26 2.56 9.92
CA VAL A 5 5.55 1.28 9.97
C VAL A 5 6.30 0.25 9.12
N TYR A 6 5.93 -1.01 9.28
CA TYR A 6 6.59 -2.08 8.55
C TYR A 6 5.60 -3.08 7.99
N LEU A 7 6.02 -3.68 6.88
CA LEU A 7 5.37 -4.82 6.26
C LEU A 7 6.42 -5.92 6.09
N ASP A 8 6.15 -7.10 6.67
CA ASP A 8 6.96 -8.28 6.42
C ASP A 8 6.26 -9.09 5.35
N VAL A 9 6.96 -9.39 4.26
CA VAL A 9 6.33 -9.96 3.08
C VAL A 9 6.93 -11.31 2.71
N ASP A 10 6.07 -12.29 2.47
CA ASP A 10 6.45 -13.60 1.94
C ASP A 10 6.13 -13.69 0.43
N ALA A 11 6.86 -14.55 -0.26
CA ALA A 11 6.48 -14.99 -1.60
C ALA A 11 6.46 -16.51 -1.57
N ASN A 12 5.30 -17.09 -1.89
CA ASN A 12 5.13 -18.54 -1.79
C ASN A 12 5.62 -19.08 -0.45
N GLY A 13 5.31 -18.35 0.61
CA GLY A 13 5.57 -18.79 1.98
C GLY A 13 7.01 -18.64 2.42
N LYS A 14 7.85 -18.02 1.59
CA LYS A 14 9.24 -17.77 1.96
C LYS A 14 9.41 -16.29 2.25
N PRO A 15 10.00 -15.95 3.40
CA PRO A 15 10.14 -14.52 3.72
C PRO A 15 11.10 -13.80 2.78
N LEU A 16 10.65 -12.65 2.29
CA LEU A 16 11.49 -11.78 1.48
C LEU A 16 12.23 -10.75 2.30
N GLY A 17 11.71 -10.46 3.49
CA GLY A 17 12.22 -9.39 4.32
C GLY A 17 11.15 -8.37 4.68
N ARG A 18 11.63 -7.18 5.05
CA ARG A 18 10.81 -6.14 5.63
C ARG A 18 10.88 -4.86 4.81
N VAL A 19 9.71 -4.28 4.56
CA VAL A 19 9.62 -2.96 4.00
C VAL A 19 9.22 -1.99 5.11
N VAL A 20 10.04 -0.96 5.33
CA VAL A 20 9.76 0.06 6.32
C VAL A 20 9.32 1.31 5.58
N LEU A 21 8.22 1.90 6.04
CA LEU A 21 7.59 3.04 5.40
C LEU A 21 7.48 4.20 6.37
N GLU A 22 7.83 5.40 5.92
CA GLU A 22 7.53 6.63 6.63
C GLU A 22 6.19 7.14 6.14
N LEU A 23 5.29 7.45 7.07
CA LEU A 23 3.99 7.99 6.73
C LEU A 23 4.00 9.48 7.01
N LYS A 24 3.71 10.28 5.99
CA LYS A 24 3.87 11.72 6.06
C LYS A 24 2.64 12.39 6.69
N ALA A 25 2.47 12.09 7.98
CA ALA A 25 1.37 12.63 8.77
C ALA A 25 1.42 14.15 8.88
N ASP A 26 2.61 14.73 8.71
N ASP A 26 2.61 14.70 8.65
CA ASP A 26 2.71 16.18 8.72
CA ASP A 26 2.85 16.14 8.65
C ASP A 26 1.89 16.83 7.60
C ASP A 26 2.25 16.86 7.45
N VAL A 27 1.78 16.13 6.46
CA VAL A 27 1.18 16.61 5.21
CA VAL A 27 1.03 16.80 5.42
C VAL A 27 -0.25 16.06 5.02
N VAL A 28 -0.38 14.77 5.29
CA VAL A 28 -1.63 14.03 5.08
C VAL A 28 -1.95 13.22 6.34
N PRO A 29 -2.31 13.92 7.42
CA PRO A 29 -2.53 13.21 8.68
C PRO A 29 -3.63 12.17 8.62
N LYS A 30 -4.73 12.44 7.93
CA LYS A 30 -5.84 11.50 7.92
C LYS A 30 -5.48 10.23 7.18
N THR A 31 -4.78 10.40 6.07
CA THR A 31 -4.38 9.28 5.23
C THR A 31 -3.29 8.47 5.94
N ALA A 32 -2.34 9.16 6.57
CA ALA A 32 -1.29 8.49 7.32
C ALA A 32 -1.89 7.69 8.48
N GLU A 33 -2.85 8.27 9.20
CA GLU A 33 -3.42 7.60 10.37
C GLU A 33 -4.15 6.33 9.96
N ASN A 34 -4.90 6.39 8.87
CA ASN A 34 -5.55 5.20 8.35
C ASN A 34 -4.55 4.07 8.13
N PHE A 35 -3.50 4.36 7.38
CA PHE A 35 -2.51 3.33 7.07
C PHE A 35 -1.83 2.80 8.34
N ARG A 36 -1.47 3.71 9.24
CA ARG A 36 -0.83 3.33 10.48
C ARG A 36 -1.68 2.32 11.26
N ALA A 37 -2.95 2.65 11.45
CA ALA A 37 -3.83 1.80 12.22
C ALA A 37 -4.12 0.48 11.50
N LEU A 38 -4.16 0.48 10.17
CA LEU A 38 -4.33 -0.77 9.44
C LEU A 38 -3.08 -1.65 9.56
N CYS A 39 -1.91 -1.05 9.73
CA CYS A 39 -0.70 -1.83 10.00
C CYS A 39 -0.73 -2.44 11.40
N THR A 40 -1.13 -1.68 12.42
CA THR A 40 -1.12 -2.25 13.77
C THR A 40 -2.26 -3.23 13.96
N GLY A 41 -3.34 -3.08 13.19
CA GLY A 41 -4.52 -3.90 13.39
C GLY A 41 -5.36 -3.50 14.58
N GLU A 42 -5.08 -2.35 15.18
CA GLU A 42 -5.68 -1.98 16.45
C GLU A 42 -7.19 -1.78 16.42
N LYS A 43 -7.79 -1.56 15.25
CA LYS A 43 -9.24 -1.45 15.14
C LYS A 43 -9.93 -2.81 14.98
N GLY A 44 -9.14 -3.88 14.90
CA GLY A 44 -9.69 -5.23 14.75
C GLY A 44 -9.63 -5.77 13.33
N PHE A 45 -9.02 -5.01 12.42
CA PHE A 45 -8.85 -5.42 11.03
C PHE A 45 -7.65 -4.67 10.47
N GLY A 46 -7.16 -5.10 9.32
CA GLY A 46 -6.00 -4.47 8.75
C GLY A 46 -5.25 -5.35 7.78
N TYR A 47 -4.02 -4.97 7.49
CA TYR A 47 -3.27 -5.57 6.40
C TYR A 47 -2.73 -6.96 6.68
N LYS A 48 -2.62 -7.35 7.95
CA LYS A 48 -2.01 -8.64 8.25
C LYS A 48 -2.74 -9.75 7.51
N GLY A 49 -1.99 -10.53 6.75
CA GLY A 49 -2.53 -11.67 6.03
C GLY A 49 -3.00 -11.36 4.63
N SER A 50 -3.00 -10.09 4.23
CA SER A 50 -3.49 -9.73 2.91
C SER A 50 -2.38 -9.78 1.86
N THR A 51 -2.74 -9.59 0.60
CA THR A 51 -1.85 -9.87 -0.50
C THR A 51 -1.50 -8.64 -1.34
N PHE A 52 -0.42 -8.75 -2.09
CA PHE A 52 -0.15 -7.88 -3.23
C PHE A 52 -0.82 -8.55 -4.43
N HIS A 53 -1.94 -8.00 -4.88
CA HIS A 53 -2.74 -8.63 -5.92
C HIS A 53 -2.42 -8.16 -7.33
N ARG A 54 -1.82 -6.99 -7.46
CA ARG A 54 -1.47 -6.45 -8.78
C ARG A 54 -0.04 -5.92 -8.71
N VAL A 55 0.85 -6.52 -9.49
CA VAL A 55 2.24 -6.11 -9.49
C VAL A 55 2.68 -6.01 -10.94
N ILE A 56 3.14 -4.82 -11.34
CA ILE A 56 3.51 -4.56 -12.72
C ILE A 56 4.95 -4.08 -12.75
N PRO A 57 5.85 -4.88 -13.35
CA PRO A 57 7.26 -4.47 -13.42
C PRO A 57 7.41 -3.11 -14.10
N SER A 58 8.34 -2.31 -13.57
CA SER A 58 8.60 -0.96 -14.04
C SER A 58 7.41 -0.03 -13.84
N PHE A 59 6.57 -0.34 -12.86
CA PHE A 59 5.46 0.53 -12.51
C PHE A 59 5.28 0.55 -10.98
N MET A 60 4.65 -0.47 -10.41
CA MET A 60 4.32 -0.42 -8.99
C MET A 60 3.84 -1.80 -8.51
N CYS A 61 3.79 -1.92 -7.19
CA CYS A 61 3.28 -3.08 -6.47
C CYS A 61 2.07 -2.64 -5.64
N GLN A 62 0.92 -3.26 -5.88
CA GLN A 62 -0.34 -2.86 -5.26
C GLN A 62 -0.88 -3.95 -4.32
N ALA A 63 -1.40 -3.52 -3.18
CA ALA A 63 -1.84 -4.42 -2.12
C ALA A 63 -2.98 -3.81 -1.35
N GLY A 64 -3.45 -4.54 -0.35
CA GLY A 64 -4.27 -3.96 0.69
C GLY A 64 -5.74 -4.26 0.67
N ASP A 65 -6.20 -5.15 -0.22
CA ASP A 65 -7.60 -5.55 -0.20
C ASP A 65 -7.81 -6.72 0.75
N PHE A 66 -7.94 -6.40 2.03
N PHE A 66 -8.35 -6.44 1.92
CA PHE A 66 -7.96 -7.43 3.07
CA PHE A 66 -8.78 -7.48 2.86
C PHE A 66 -9.38 -7.90 3.31
C PHE A 66 -10.31 -7.56 3.09
N THR A 67 -10.33 -7.42 2.52
N THR A 67 -11.10 -6.98 2.20
CA THR A 67 -11.72 -7.87 2.67
CA THR A 67 -12.54 -7.06 2.35
C THR A 67 -12.17 -8.86 1.58
C THR A 67 -13.18 -7.95 1.28
N ASN A 68 -11.71 -8.65 0.34
N ASN A 68 -12.71 -7.82 0.04
CA ASN A 68 -12.10 -9.52 -0.75
CA ASN A 68 -13.16 -8.72 -1.03
C ASN A 68 -10.92 -10.25 -1.35
C ASN A 68 -12.05 -9.64 -1.53
N HIS A 69 -9.73 -9.81 -0.95
N HIS A 69 -10.83 -9.39 -1.06
CA HIS A 69 -8.48 -10.40 -1.41
CA HIS A 69 -9.69 -10.26 -1.36
C HIS A 69 -8.48 -10.59 -2.91
C HIS A 69 -9.50 -10.42 -2.85
N ASN A 70 -9.08 -9.64 -3.64
N ASN A 70 -9.73 -9.34 -3.61
CA ASN A 70 -9.06 -9.70 -5.09
CA ASN A 70 -9.83 -9.43 -5.06
C ASN A 70 -8.88 -8.35 -5.81
C ASN A 70 -9.08 -8.33 -5.79
N GLY A 71 -8.81 -7.24 -5.08
CA GLY A 71 -8.55 -5.96 -5.71
C GLY A 71 -9.79 -5.10 -5.89
N THR A 72 -10.93 -5.60 -5.41
N THR A 72 -10.95 -5.61 -5.48
CA THR A 72 -12.23 -4.98 -5.64
CA THR A 72 -12.16 -4.81 -5.52
C THR A 72 -12.71 -4.06 -4.51
C THR A 72 -12.50 -4.26 -4.14
N GLY A 73 -12.30 -4.34 -3.28
N GLY A 73 -11.80 -4.70 -3.09
CA GLY A 73 -12.84 -3.61 -2.15
CA GLY A 73 -12.22 -4.44 -1.71
C GLY A 73 -11.77 -3.05 -1.26
C GLY A 73 -11.25 -3.63 -0.87
N GLY A 74 -12.05 -3.06 0.03
N GLY A 74 -11.30 -3.88 0.43
CA GLY A 74 -11.12 -2.52 1.00
CA GLY A 74 -10.65 -3.02 1.42
C GLY A 74 -11.90 -1.87 2.10
C GLY A 74 -11.62 -2.01 2.02
N LYS A 75 -11.27 -1.46 3.17
CA LYS A 75 -11.99 -0.48 3.96
C LYS A 75 -11.04 0.31 4.82
N SER A 76 -11.42 1.53 5.13
CA SER A 76 -10.60 2.40 5.95
C SER A 76 -11.05 2.31 7.40
N ILE A 77 -10.27 2.90 8.29
CA ILE A 77 -10.67 2.96 9.67
C ILE A 77 -11.85 3.90 9.92
N TYR A 78 -12.16 4.74 8.94
CA TYR A 78 -13.23 5.73 9.07
C TYR A 78 -14.59 5.24 8.60
N GLY A 79 -14.57 4.21 7.75
CA GLY A 79 -15.72 3.77 6.99
C GLY A 79 -15.22 3.15 5.71
N SER A 80 -16.12 2.88 4.77
CA SER A 80 -15.69 2.13 3.60
C SER A 80 -14.70 2.92 2.73
N ARG A 81 -14.94 4.22 2.60
CA ARG A 81 -14.14 5.09 1.74
CA ARG A 81 -14.14 5.08 1.73
C ARG A 81 -13.94 6.43 2.42
N PHE A 82 -12.89 7.15 2.06
CA PHE A 82 -12.68 8.49 2.59
C PHE A 82 -12.08 9.40 1.52
N PRO A 83 -12.22 10.72 1.71
CA PRO A 83 -11.83 11.67 0.67
C PRO A 83 -10.36 11.72 0.36
N ASP A 84 -10.05 12.22 -0.83
CA ASP A 84 -8.69 12.61 -1.18
C ASP A 84 -8.28 13.77 -0.30
N GLU A 85 -7.26 13.58 0.53
CA GLU A 85 -6.89 14.56 1.52
C GLU A 85 -6.27 15.81 0.86
N ASN A 86 -5.28 15.57 0.03
CA ASN A 86 -4.67 16.59 -0.82
C ASN A 86 -3.76 15.89 -1.81
N PHE A 87 -3.24 16.63 -2.78
CA PHE A 87 -2.29 16.13 -3.74
C PHE A 87 -0.96 16.86 -3.61
N THR A 88 -0.61 17.21 -2.39
CA THR A 88 0.57 18.02 -2.15
C THR A 88 1.87 17.27 -2.45
N LEU A 89 1.94 16.01 -2.03
CA LEU A 89 3.09 15.15 -2.33
C LEU A 89 2.94 14.55 -3.73
N LYS A 90 4.06 14.40 -4.42
CA LYS A 90 4.04 13.92 -5.79
C LYS A 90 4.68 12.53 -5.93
N HIS A 91 4.36 11.88 -7.05
CA HIS A 91 4.90 10.55 -7.34
C HIS A 91 6.27 10.75 -7.96
N VAL A 92 7.26 10.99 -7.11
CA VAL A 92 8.54 11.50 -7.58
C VAL A 92 9.52 10.44 -8.06
N GLY A 93 9.31 9.19 -7.72
CA GLY A 93 10.27 8.15 -8.06
C GLY A 93 9.97 6.83 -7.37
N PRO A 94 10.88 5.88 -7.53
CA PRO A 94 10.74 4.60 -6.83
C PRO A 94 10.64 4.80 -5.32
N GLY A 95 9.83 3.98 -4.68
CA GLY A 95 9.68 3.99 -3.24
C GLY A 95 8.51 4.82 -2.72
N VAL A 96 7.85 5.57 -3.59
CA VAL A 96 6.70 6.37 -3.20
C VAL A 96 5.54 5.45 -2.81
N LEU A 97 4.88 5.79 -1.71
CA LEU A 97 3.72 5.10 -1.18
C LEU A 97 2.49 5.97 -1.40
N SER A 98 1.48 5.39 -2.05
CA SER A 98 0.33 6.14 -2.51
C SER A 98 -0.94 5.29 -2.42
N MET A 99 -2.09 5.96 -2.34
CA MET A 99 -3.37 5.27 -2.21
C MET A 99 -3.93 4.87 -3.57
N ALA A 100 -4.31 3.59 -3.68
CA ALA A 100 -5.07 3.14 -4.83
C ALA A 100 -6.47 3.73 -4.74
N ASN A 101 -7.19 3.81 -5.86
CA ASN A 101 -8.55 4.30 -5.81
C ASN A 101 -9.34 3.87 -7.03
N ALA A 102 -10.65 4.13 -6.95
CA ALA A 102 -11.59 3.87 -8.02
C ALA A 102 -12.20 5.18 -8.52
N GLY A 103 -11.39 6.24 -8.55
CA GLY A 103 -11.85 7.57 -8.91
C GLY A 103 -11.72 8.50 -7.73
N PRO A 104 -12.14 9.76 -7.90
CA PRO A 104 -12.01 10.74 -6.82
C PRO A 104 -12.67 10.26 -5.53
N ASN A 105 -12.01 10.53 -4.42
CA ASN A 105 -12.58 10.31 -3.10
C ASN A 105 -13.05 8.89 -2.83
N THR A 106 -12.23 7.91 -3.21
CA THR A 106 -12.55 6.51 -2.99
C THR A 106 -11.38 5.76 -2.33
N ASN A 107 -10.64 6.45 -1.48
CA ASN A 107 -9.58 5.80 -0.70
C ASN A 107 -10.20 4.84 0.29
N GLY A 108 -9.63 3.66 0.43
CA GLY A 108 -10.09 2.69 1.41
C GLY A 108 -8.90 2.18 2.18
N SER A 109 -8.43 1.01 1.78
CA SER A 109 -7.18 0.45 2.29
C SER A 109 -6.15 0.11 1.21
N GLN A 110 -6.57 -0.06 -0.04
CA GLN A 110 -5.62 -0.44 -1.06
C GLN A 110 -4.60 0.66 -1.29
N PHE A 111 -3.36 0.25 -1.52
CA PHE A 111 -2.24 1.14 -1.64
C PHE A 111 -1.24 0.57 -2.64
N PHE A 112 -0.28 1.37 -3.06
CA PHE A 112 0.79 0.88 -3.90
C PHE A 112 2.11 1.52 -3.55
N ILE A 113 3.17 0.79 -3.88
CA ILE A 113 4.54 1.26 -3.76
C ILE A 113 5.11 1.32 -5.17
N CYS A 114 5.54 2.51 -5.56
CA CYS A 114 6.06 2.72 -6.91
C CYS A 114 7.45 2.15 -7.07
N THR A 115 7.75 1.69 -8.29
CA THR A 115 9.11 1.25 -8.61
C THR A 115 9.74 2.15 -9.68
N ILE A 116 9.04 3.22 -10.03
CA ILE A 116 9.50 4.23 -10.97
C ILE A 116 8.75 5.51 -10.61
N LYS A 117 9.18 6.65 -11.15
CA LYS A 117 8.40 7.87 -11.11
C LYS A 117 7.12 7.68 -11.90
N THR A 118 5.98 7.90 -11.26
CA THR A 118 4.68 7.74 -11.90
C THR A 118 3.94 9.08 -11.95
N ASP A 119 4.49 10.02 -12.71
CA ASP A 119 3.98 11.39 -12.66
C ASP A 119 2.55 11.54 -13.14
N TRP A 120 2.09 10.61 -13.98
CA TRP A 120 0.75 10.68 -14.52
C TRP A 120 -0.31 10.43 -13.46
N LEU A 121 0.10 9.96 -12.29
CA LEU A 121 -0.81 9.74 -11.18
C LEU A 121 -0.89 10.95 -10.25
N ASP A 122 -0.05 11.94 -10.46
CA ASP A 122 -0.11 13.17 -9.66
C ASP A 122 -1.46 13.82 -9.86
N GLY A 123 -2.07 14.22 -8.75
CA GLY A 123 -3.38 14.84 -8.80
C GLY A 123 -4.54 13.87 -8.89
N LYS A 124 -4.23 12.57 -8.95
CA LYS A 124 -5.23 11.52 -9.03
C LYS A 124 -5.17 10.57 -7.84
N HIS A 125 -3.95 10.25 -7.39
CA HIS A 125 -3.73 9.39 -6.23
C HIS A 125 -3.04 10.16 -5.14
N VAL A 126 -3.47 9.95 -3.90
CA VAL A 126 -2.90 10.64 -2.75
C VAL A 126 -1.64 9.93 -2.28
N VAL A 127 -0.51 10.61 -2.46
CA VAL A 127 0.78 10.16 -1.96
C VAL A 127 0.86 10.46 -0.47
N PHE A 128 1.35 9.49 0.31
CA PHE A 128 1.35 9.67 1.75
C PHE A 128 2.57 9.11 2.47
N GLY A 129 3.60 8.68 1.73
CA GLY A 129 4.80 8.24 2.40
C GLY A 129 5.80 7.70 1.41
N HIS A 130 6.81 7.02 1.93
CA HIS A 130 7.86 6.44 1.10
C HIS A 130 8.62 5.36 1.85
N VAL A 131 9.33 4.56 1.08
CA VAL A 131 10.16 3.47 1.60
C VAL A 131 11.44 4.02 2.23
N ILE A 132 11.58 3.74 3.53
CA ILE A 132 12.76 4.06 4.33
C ILE A 132 13.84 2.99 4.22
N GLU A 133 13.39 1.73 4.20
CA GLU A 133 14.25 0.57 4.16
C GLU A 133 13.51 -0.54 3.43
N GLY A 134 14.24 -1.35 2.67
CA GLY A 134 13.63 -2.51 2.07
C GLY A 134 13.28 -2.37 0.60
N MET A 135 13.87 -1.44 -0.12
CA MET A 135 13.63 -1.43 -1.55
C MET A 135 14.06 -2.74 -2.20
N ASP A 136 15.04 -3.46 -1.64
CA ASP A 136 15.39 -4.76 -2.17
C ASP A 136 14.19 -5.71 -2.14
N VAL A 137 13.41 -5.64 -1.07
CA VAL A 137 12.22 -6.45 -0.93
C VAL A 137 11.19 -6.03 -1.99
N VAL A 138 11.00 -4.73 -2.16
CA VAL A 138 10.09 -4.22 -3.18
C VAL A 138 10.52 -4.70 -4.59
N LYS A 139 11.82 -4.70 -4.87
CA LYS A 139 12.28 -5.16 -6.18
C LYS A 139 12.02 -6.66 -6.35
N LYS A 140 12.14 -7.43 -5.27
CA LYS A 140 11.77 -8.85 -5.35
C LYS A 140 10.28 -8.99 -5.66
N ILE A 141 9.44 -8.29 -4.93
CA ILE A 141 7.99 -8.33 -5.19
C ILE A 141 7.71 -7.99 -6.67
N GLU A 142 8.31 -6.90 -7.12
CA GLU A 142 8.14 -6.41 -8.49
C GLU A 142 8.47 -7.51 -9.51
N SER A 143 9.53 -8.27 -9.23
CA SER A 143 10.01 -9.29 -10.15
C SER A 143 9.04 -10.47 -10.29
N PHE A 144 8.08 -10.56 -9.35
N PHE A 144 8.06 -10.55 -9.40
CA PHE A 144 7.03 -11.60 -9.38
CA PHE A 144 7.09 -11.63 -9.48
C PHE A 144 5.73 -11.08 -9.99
C PHE A 144 5.78 -11.15 -10.13
N GLY A 145 5.78 -9.92 -10.63
CA GLY A 145 4.62 -9.41 -11.34
C GLY A 145 4.67 -9.73 -12.82
N SER A 146 3.81 -9.07 -13.58
CA SER A 146 3.72 -9.26 -15.02
C SER A 146 3.07 -8.04 -15.62
N LYS A 147 3.08 -7.94 -16.94
CA LYS A 147 2.50 -6.81 -17.64
CA LYS A 147 2.50 -6.81 -17.64
C LYS A 147 1.02 -6.62 -17.29
N SER A 148 0.29 -7.72 -17.13
CA SER A 148 -1.14 -7.64 -16.82
C SER A 148 -1.38 -7.31 -15.36
N GLY A 149 -0.35 -7.48 -14.53
CA GLY A 149 -0.47 -7.29 -13.10
C GLY A 149 -0.61 -8.59 -12.32
N ARG A 150 -0.93 -9.69 -13.02
CA ARG A 150 -1.05 -10.97 -12.38
C ARG A 150 0.29 -11.37 -11.76
N THR A 151 0.26 -11.80 -10.50
CA THR A 151 1.47 -12.25 -9.83
C THR A 151 1.75 -13.72 -10.11
N SER A 152 3.04 -14.06 -10.17
CA SER A 152 3.47 -15.43 -10.47
C SER A 152 3.83 -16.19 -9.20
N LYS A 153 3.86 -15.49 -8.07
CA LYS A 153 3.98 -16.09 -6.75
C LYS A 153 2.91 -15.44 -5.87
N LYS A 154 2.52 -16.14 -4.80
CA LYS A 154 1.57 -15.56 -3.88
C LYS A 154 2.33 -14.67 -2.91
N ILE A 155 2.04 -13.37 -2.96
CA ILE A 155 2.79 -12.39 -2.21
C ILE A 155 1.91 -11.91 -1.05
N VAL A 156 2.35 -12.20 0.18
CA VAL A 156 1.52 -12.00 1.36
C VAL A 156 2.23 -11.14 2.38
N ILE A 157 1.49 -10.17 2.94
CA ILE A 157 1.95 -9.40 4.08
C ILE A 157 1.69 -10.27 5.31
N THR A 158 2.71 -10.96 5.78
CA THR A 158 2.53 -11.90 6.88
C THR A 158 2.37 -11.19 8.22
N ASP A 159 3.06 -10.07 8.36
CA ASP A 159 3.09 -9.32 9.60
C ASP A 159 3.23 -7.85 9.24
N CYS A 160 2.74 -6.98 10.11
CA CYS A 160 2.89 -5.55 9.91
C CYS A 160 2.64 -4.86 11.24
N GLY A 161 3.05 -3.61 11.34
CA GLY A 161 2.93 -2.91 12.59
C GLY A 161 3.61 -1.56 12.54
N GLN A 162 3.73 -0.97 13.72
CA GLN A 162 4.31 0.36 13.89
C GLN A 162 5.62 0.26 14.67
N LEU A 163 6.66 0.87 14.11
CA LEU A 163 7.98 0.95 14.75
C LEU A 163 8.15 2.17 15.64
N SER A 164 7.56 3.29 15.25
CA SER A 164 7.64 4.54 16.00
C SER A 164 6.60 5.51 15.48
#